data_5LR4
#
_entry.id   5LR4
#
_cell.length_a   49.870
_cell.length_b   49.870
_cell.length_c   123.735
_cell.angle_alpha   90.00
_cell.angle_beta   90.00
_cell.angle_gamma   90.00
#
_symmetry.space_group_name_H-M   'P 43 21 2'
#
loop_
_entity.id
_entity.type
_entity.pdbx_description
1 polymer "RNA (5'-R(*GP*(CBV)P*CP*GP*GP*(6MZ)P*UP*GP*GP*C)-3')"
2 non-polymer 'SODIUM ION'
3 water water
#
_entity_poly.entity_id   1
_entity_poly.type   'polyribonucleotide'
_entity_poly.pdbx_seq_one_letter_code
;G(CBV)CGG(6MZ)UGGC
;
_entity_poly.pdbx_strand_id   A,B,C,D
#